data_4GUH
#
_entry.id   4GUH
#
_cell.length_a   36.838
_cell.length_b   71.671
_cell.length_c   171.755
_cell.angle_alpha   90.00
_cell.angle_beta   90.00
_cell.angle_gamma   90.00
#
_symmetry.space_group_name_H-M   'P 21 21 21'
#
loop_
_entity.id
_entity.type
_entity.pdbx_description
1 polymer '3-dehydroquinate dehydratase'
2 non-polymer '(4S,5R)-4,5-dihydroxy-3-oxocyclohex-1-ene-1-carboxylic acid'
3 non-polymer 'NICKEL (II) ION'
4 water water
#
_entity_poly.entity_id   1
_entity_poly.type   'polypeptide(L)'
_entity_poly.pdbx_seq_one_letter_code
;MHHHHHHSSGVDLGTENLYFQSNAMKTVTVRDLVVGEGAPKIIVSLMGKTITDVKSEALAYREADFDILEWRVDHFANVT
TAESVLEAAGAIREIITDKPLLFTFRSAKAGGEQALTTGQYIDLNRAAVDSGLVDMIDLELFTGDDEVKATVGYAHQHNV
AVIMSNHDFHKTPAAEEIVQRLRKMQELGADIPKIAVMPQTKADVLTLLTATVEMQERYADRPIITMSMSKTGVISRLAG
EVFGSAATFGAVKKASAPGQISVADLRTVLTILHQA
;
_entity_poly.pdbx_strand_id   A,B
#
loop_
_chem_comp.id
_chem_comp.type
_chem_comp.name
_chem_comp.formula
3DS non-polymer '(4S,5R)-4,5-dihydroxy-3-oxocyclohex-1-ene-1-carboxylic acid' 'C7 H8 O5'
NI non-polymer 'NICKEL (II) ION' 'Ni 2'
#
# COMPACT_ATOMS: atom_id res chain seq x y z
N ASN A 17 5.98 -35.38 9.09
CA ASN A 17 6.31 -34.43 8.00
C ASN A 17 5.91 -34.91 6.63
N LEU A 18 5.05 -34.13 5.97
CA LEU A 18 4.60 -34.39 4.61
C LEU A 18 3.96 -33.12 4.11
N TYR A 19 4.68 -32.39 3.27
CA TYR A 19 4.20 -31.14 2.70
C TYR A 19 3.94 -31.39 1.22
N PHE A 20 2.96 -30.69 0.66
CA PHE A 20 2.64 -30.85 -0.76
C PHE A 20 3.07 -29.63 -1.55
N GLN A 21 3.22 -29.79 -2.85
CA GLN A 21 3.51 -28.64 -3.70
C GLN A 21 2.90 -28.88 -5.08
N SER A 22 2.39 -27.80 -5.65
CA SER A 22 1.77 -27.85 -6.97
C SER A 22 2.36 -26.74 -7.84
N ASN A 23 3.15 -27.14 -8.83
CA ASN A 23 3.75 -26.16 -9.76
C ASN A 23 2.65 -25.54 -10.61
N ALA A 24 1.59 -26.31 -10.83
CA ALA A 24 0.46 -25.87 -11.62
C ALA A 24 -0.31 -24.80 -10.89
N MET A 25 -0.55 -25.02 -9.61
CA MET A 25 -1.29 -24.04 -8.82
C MET A 25 -0.36 -23.02 -8.16
N LYS A 26 0.95 -23.17 -8.39
CA LYS A 26 1.96 -22.29 -7.78
C LYS A 26 1.78 -22.19 -6.26
N THR A 27 1.49 -23.30 -5.61
CA THR A 27 1.32 -23.34 -4.15
C THR A 27 2.29 -24.30 -3.47
N VAL A 28 2.49 -24.08 -2.16
CA VAL A 28 3.29 -24.94 -1.29
C VAL A 28 2.42 -25.15 -0.05
N THR A 29 2.17 -26.41 0.30
CA THR A 29 1.30 -26.75 1.41
C THR A 29 2.06 -27.42 2.53
N VAL A 30 2.07 -26.76 3.69
CA VAL A 30 2.76 -27.26 4.87
CA VAL A 30 2.77 -27.24 4.88
C VAL A 30 1.77 -27.36 6.01
N ARG A 31 1.67 -28.54 6.61
CA ARG A 31 0.74 -28.78 7.71
CA ARG A 31 0.74 -28.80 7.71
C ARG A 31 -0.59 -28.08 7.54
N ASP A 32 -1.32 -28.44 6.48
CA ASP A 32 -2.64 -27.86 6.21
C ASP A 32 -2.67 -26.38 5.74
N LEU A 33 -1.53 -25.68 5.74
CA LEU A 33 -1.51 -24.27 5.32
C LEU A 33 -1.13 -24.16 3.85
N VAL A 34 -1.92 -23.43 3.08
CA VAL A 34 -1.64 -23.29 1.65
C VAL A 34 -0.96 -21.96 1.33
N VAL A 35 0.36 -22.01 1.24
CA VAL A 35 1.10 -20.83 0.89
C VAL A 35 0.96 -20.67 -0.61
N GLY A 36 0.61 -19.48 -1.06
CA GLY A 36 0.45 -19.19 -2.48
C GLY A 36 -0.99 -18.93 -2.90
N GLU A 37 -1.94 -19.02 -1.97
CA GLU A 37 -3.35 -18.71 -2.29
C GLU A 37 -3.97 -17.81 -1.21
N GLY A 38 -5.01 -17.07 -1.60
CA GLY A 38 -5.72 -16.18 -0.68
C GLY A 38 -4.84 -15.07 -0.19
N ALA A 39 -5.11 -14.57 1.01
CA ALA A 39 -4.31 -13.50 1.60
C ALA A 39 -2.92 -14.03 1.94
N PRO A 40 -1.92 -13.13 1.98
CA PRO A 40 -0.56 -13.49 2.35
C PRO A 40 -0.55 -14.08 3.76
N LYS A 41 0.34 -15.03 4.01
CA LYS A 41 0.45 -15.64 5.33
C LYS A 41 1.41 -14.85 6.22
N ILE A 42 1.09 -14.83 7.51
CA ILE A 42 1.89 -14.11 8.49
C ILE A 42 2.88 -15.06 9.14
N ILE A 43 4.14 -14.64 9.15
CA ILE A 43 5.23 -15.38 9.76
C ILE A 43 5.74 -14.50 10.91
N VAL A 44 6.10 -15.11 12.03
CA VAL A 44 6.70 -14.35 13.11
C VAL A 44 7.97 -15.06 13.54
N SER A 45 8.89 -14.32 14.13
CA SER A 45 10.14 -14.90 14.54
C SER A 45 10.26 -15.01 16.04
N LEU A 46 10.71 -16.17 16.45
CA LEU A 46 10.94 -16.50 17.84
C LEU A 46 12.45 -16.39 18.02
N MET A 47 12.87 -15.58 18.99
CA MET A 47 14.25 -15.31 19.26
C MET A 47 14.51 -15.50 20.78
N GLY A 48 15.24 -16.54 21.14
CA GLY A 48 15.62 -16.81 22.52
C GLY A 48 17.08 -17.27 22.59
N LYS A 49 17.79 -16.82 23.62
CA LYS A 49 19.18 -17.23 23.83
C LYS A 49 19.35 -18.63 24.42
N THR A 50 18.54 -18.98 25.40
CA THR A 50 18.67 -20.28 26.07
C THR A 50 17.44 -21.07 25.80
N ILE A 51 17.46 -22.34 26.19
CA ILE A 51 16.31 -23.16 25.91
C ILE A 51 15.11 -22.64 26.74
N THR A 52 15.35 -22.09 27.93
CA THR A 52 14.23 -21.58 28.72
C THR A 52 13.69 -20.29 28.08
N ASP A 53 14.55 -19.46 27.48
CA ASP A 53 14.10 -18.26 26.77
C ASP A 53 13.17 -18.67 25.65
N VAL A 54 13.52 -19.76 24.95
CA VAL A 54 12.73 -20.29 23.85
C VAL A 54 11.35 -20.77 24.35
N LYS A 55 11.35 -21.50 25.45
CA LYS A 55 10.07 -21.92 26.03
C LYS A 55 9.22 -20.70 26.40
N SER A 56 9.84 -19.68 27.00
CA SER A 56 9.13 -18.44 27.38
C SER A 56 8.53 -17.76 26.16
N GLU A 57 9.34 -17.56 25.13
CA GLU A 57 8.84 -16.93 23.92
C GLU A 57 7.71 -17.74 23.32
N ALA A 58 7.90 -19.07 23.22
CA ALA A 58 6.90 -19.96 22.62
C ALA A 58 5.58 -19.90 23.38
N LEU A 59 5.66 -19.83 24.71
CA LEU A 59 4.44 -19.73 25.54
C LEU A 59 3.70 -18.42 25.25
N ALA A 60 4.46 -17.33 25.19
CA ALA A 60 3.89 -16.03 24.90
C ALA A 60 3.33 -15.94 23.46
N TYR A 61 3.97 -16.61 22.51
CA TYR A 61 3.55 -16.59 21.08
C TYR A 61 2.31 -17.44 20.83
N ARG A 62 2.16 -18.49 21.64
CA ARG A 62 1.05 -19.44 21.58
C ARG A 62 -0.30 -18.77 21.31
N GLU A 63 -0.44 -17.55 21.80
CA GLU A 63 -1.67 -16.77 21.65
C GLU A 63 -1.75 -16.08 20.29
N ALA A 64 -0.70 -15.35 19.92
CA ALA A 64 -0.64 -14.54 18.69
C ALA A 64 -1.27 -15.13 17.43
N ASP A 65 -1.77 -14.22 16.60
CA ASP A 65 -2.43 -14.58 15.38
C ASP A 65 -1.48 -14.64 14.17
N PHE A 66 -0.71 -15.70 14.07
CA PHE A 66 0.21 -15.86 12.93
C PHE A 66 -0.02 -17.20 12.27
N ASP A 67 0.60 -17.40 11.10
CA ASP A 67 0.43 -18.62 10.34
C ASP A 67 1.67 -19.56 10.36
N ILE A 68 2.86 -18.96 10.39
CA ILE A 68 4.09 -19.70 10.42
C ILE A 68 4.98 -19.18 11.50
N LEU A 69 5.63 -20.09 12.20
CA LEU A 69 6.57 -19.72 13.25
C LEU A 69 7.97 -19.94 12.74
N GLU A 70 8.76 -18.88 12.71
CA GLU A 70 10.16 -18.99 12.33
C GLU A 70 11.01 -18.94 13.59
N TRP A 71 11.79 -19.99 13.82
CA TRP A 71 12.78 -19.98 14.91
C TRP A 71 14.08 -19.39 14.38
N ARG A 72 14.49 -18.23 14.88
CA ARG A 72 15.75 -17.58 14.46
C ARG A 72 16.86 -18.20 15.30
N VAL A 73 17.44 -19.25 14.75
CA VAL A 73 18.45 -20.02 15.48
C VAL A 73 19.75 -19.23 15.71
N ASP A 74 20.01 -18.20 14.90
CA ASP A 74 21.23 -17.39 15.07
C ASP A 74 21.18 -16.59 16.40
N HIS A 75 20.01 -16.49 17.00
CA HIS A 75 19.88 -15.86 18.35
C HIS A 75 20.13 -16.86 19.48
N PHE A 76 20.24 -18.15 19.14
CA PHE A 76 20.42 -19.21 20.15
C PHE A 76 21.90 -19.33 20.54
N ALA A 77 22.16 -19.26 21.83
CA ALA A 77 23.55 -19.29 22.34
C ALA A 77 24.32 -20.60 22.10
N ASN A 78 23.66 -21.74 22.20
CA ASN A 78 24.32 -23.06 22.03
C ASN A 78 24.10 -23.68 20.65
N VAL A 79 24.21 -22.85 19.62
CA VAL A 79 23.92 -23.30 18.27
C VAL A 79 24.81 -24.46 17.82
N THR A 80 26.06 -24.52 18.31
CA THR A 80 27.00 -25.58 17.92
C THR A 80 26.92 -26.85 18.75
N THR A 81 26.01 -26.91 19.70
CA THR A 81 25.81 -28.11 20.51
C THR A 81 24.57 -28.83 19.99
N ALA A 82 24.79 -29.94 19.27
CA ALA A 82 23.67 -30.65 18.65
C ALA A 82 22.50 -30.96 19.62
N GLU A 83 22.82 -31.44 20.82
CA GLU A 83 21.74 -31.81 21.76
C GLU A 83 20.91 -30.59 22.23
N SER A 84 21.55 -29.45 22.37
CA SER A 84 20.84 -28.23 22.80
C SER A 84 19.87 -27.76 21.71
N VAL A 85 20.30 -27.80 20.44
CA VAL A 85 19.45 -27.40 19.35
C VAL A 85 18.21 -28.30 19.25
N LEU A 86 18.41 -29.61 19.44
CA LEU A 86 17.32 -30.58 19.37
CA LEU A 86 17.33 -30.59 19.35
C LEU A 86 16.33 -30.39 20.49
N GLU A 87 16.86 -30.07 21.67
CA GLU A 87 16.00 -29.83 22.85
C GLU A 87 15.19 -28.56 22.64
N ALA A 88 15.83 -27.52 22.10
CA ALA A 88 15.14 -26.25 21.86
C ALA A 88 14.02 -26.44 20.83
N ALA A 89 14.32 -27.16 19.76
CA ALA A 89 13.32 -27.40 18.70
C ALA A 89 12.15 -28.22 19.21
N GLY A 90 12.46 -29.21 20.02
CA GLY A 90 11.44 -30.07 20.59
C GLY A 90 10.55 -29.31 21.55
N ALA A 91 11.13 -28.39 22.32
CA ALA A 91 10.37 -27.56 23.26
C ALA A 91 9.39 -26.67 22.54
N ILE A 92 9.85 -26.11 21.40
CA ILE A 92 8.99 -25.26 20.59
C ILE A 92 7.85 -26.08 20.02
N ARG A 93 8.16 -27.26 19.51
N ARG A 93 8.18 -27.28 19.54
CA ARG A 93 7.14 -28.14 18.93
CA ARG A 93 7.20 -28.19 18.94
C ARG A 93 6.17 -28.75 19.95
C ARG A 93 6.18 -28.71 19.95
N GLU A 94 6.59 -28.81 21.21
CA GLU A 94 5.71 -29.27 22.28
C GLU A 94 4.64 -28.21 22.61
N ILE A 95 5.01 -26.94 22.49
CA ILE A 95 4.14 -25.83 22.82
C ILE A 95 3.31 -25.32 21.65
N ILE A 96 3.92 -25.25 20.48
CA ILE A 96 3.25 -24.77 19.27
C ILE A 96 3.13 -26.04 18.44
N THR A 97 2.00 -26.72 18.54
CA THR A 97 1.84 -28.04 17.93
C THR A 97 1.15 -28.13 16.58
N ASP A 98 0.41 -27.08 16.22
CA ASP A 98 -0.38 -27.06 14.99
C ASP A 98 0.20 -26.23 13.82
N LYS A 99 1.04 -25.24 14.12
CA LYS A 99 1.59 -24.36 13.08
C LYS A 99 2.93 -24.79 12.46
N PRO A 100 3.10 -24.55 11.16
CA PRO A 100 4.40 -24.90 10.59
C PRO A 100 5.53 -24.19 11.31
N LEU A 101 6.61 -24.93 11.55
CA LEU A 101 7.80 -24.41 12.18
C LEU A 101 8.89 -24.28 11.09
N LEU A 102 9.47 -23.10 10.98
CA LEU A 102 10.54 -22.82 10.00
C LEU A 102 11.84 -22.62 10.73
N PHE A 103 12.88 -23.40 10.38
CA PHE A 103 14.19 -23.33 11.01
C PHE A 103 15.08 -22.38 10.23
N THR A 104 15.43 -21.24 10.83
CA THR A 104 16.30 -20.26 10.14
C THR A 104 17.55 -19.84 10.92
N PHE A 105 18.73 -20.20 10.40
CA PHE A 105 19.95 -19.65 10.94
C PHE A 105 20.32 -18.56 9.96
N ARG A 106 20.13 -17.32 10.38
CA ARG A 106 20.39 -16.15 9.58
C ARG A 106 21.80 -15.69 9.90
N SER A 107 22.68 -15.71 8.90
CA SER A 107 24.07 -15.30 9.14
C SER A 107 24.25 -13.78 9.40
N ALA A 108 25.33 -13.45 10.10
CA ALA A 108 25.68 -12.09 10.47
C ALA A 108 25.75 -11.14 9.26
N LYS A 109 26.23 -11.69 8.14
CA LYS A 109 26.35 -10.92 6.90
C LYS A 109 24.98 -10.54 6.35
N ALA A 110 23.96 -11.32 6.70
CA ALA A 110 22.61 -11.11 6.21
C ALA A 110 21.66 -10.66 7.30
N GLY A 111 22.21 -10.03 8.35
CA GLY A 111 21.40 -9.49 9.45
C GLY A 111 21.26 -10.40 10.66
N GLY A 112 22.02 -11.49 10.65
CA GLY A 112 22.00 -12.44 11.74
C GLY A 112 22.79 -11.95 12.91
N GLU A 113 22.83 -12.75 13.97
CA GLU A 113 23.55 -12.37 15.16
C GLU A 113 24.89 -13.08 15.30
N GLN A 114 25.04 -14.24 14.66
CA GLN A 114 26.28 -15.00 14.75
C GLN A 114 26.72 -15.41 13.34
N ALA A 115 27.92 -15.97 13.26
CA ALA A 115 28.46 -16.44 12.00
C ALA A 115 28.95 -17.87 12.19
N LEU A 116 28.85 -18.68 11.14
CA LEU A 116 29.29 -20.06 11.19
C LEU A 116 30.04 -20.32 9.93
N THR A 117 30.90 -21.32 9.96
CA THR A 117 31.59 -21.70 8.75
C THR A 117 30.53 -22.35 7.85
N THR A 118 30.79 -22.43 6.56
CA THR A 118 29.86 -23.09 5.66
C THR A 118 29.54 -24.52 6.14
N GLY A 119 30.59 -25.26 6.54
CA GLY A 119 30.45 -26.63 7.00
C GLY A 119 29.53 -26.76 8.21
N GLN A 120 29.71 -25.89 9.19
CA GLN A 120 28.86 -25.86 10.39
C GLN A 120 27.39 -25.59 10.04
N TYR A 121 27.20 -24.64 9.12
CA TYR A 121 25.89 -24.20 8.64
C TYR A 121 25.17 -25.33 7.91
N ILE A 122 25.84 -25.97 6.96
CA ILE A 122 25.25 -27.09 6.24
C ILE A 122 24.91 -28.24 7.17
N ASP A 123 25.78 -28.52 8.13
CA ASP A 123 25.57 -29.60 9.07
C ASP A 123 24.40 -29.30 10.02
N LEU A 124 24.33 -28.04 10.46
CA LEU A 124 23.28 -27.58 11.34
C LEU A 124 21.92 -27.80 10.66
N ASN A 125 21.85 -27.45 9.38
CA ASN A 125 20.60 -27.62 8.62
C ASN A 125 20.25 -29.10 8.36
N ARG A 126 21.24 -29.94 8.03
CA ARG A 126 20.98 -31.37 7.82
C ARG A 126 20.42 -31.99 9.11
N ALA A 127 21.02 -31.66 10.23
CA ALA A 127 20.55 -32.14 11.54
C ALA A 127 19.12 -31.70 11.82
N ALA A 128 18.80 -30.46 11.48
CA ALA A 128 17.45 -29.95 11.66
C ALA A 128 16.48 -30.78 10.82
N VAL A 129 16.82 -31.00 9.54
CA VAL A 129 16.07 -31.84 8.63
C VAL A 129 15.91 -33.25 9.18
N ASP A 130 17.00 -33.82 9.68
CA ASP A 130 16.99 -35.19 10.19
C ASP A 130 16.04 -35.37 11.39
N SER A 131 15.89 -34.33 12.20
CA SER A 131 15.09 -34.39 13.45
C SER A 131 13.60 -34.66 13.26
N GLY A 132 13.05 -34.26 12.12
CA GLY A 132 11.60 -34.37 11.92
C GLY A 132 10.82 -33.35 12.77
N LEU A 133 11.53 -32.41 13.38
CA LEU A 133 10.92 -31.42 14.29
C LEU A 133 10.54 -30.12 13.59
N VAL A 134 11.11 -29.88 12.42
CA VAL A 134 10.82 -28.67 11.67
C VAL A 134 10.17 -29.06 10.34
N ASP A 135 9.29 -28.19 9.83
CA ASP A 135 8.59 -28.46 8.60
C ASP A 135 9.28 -27.78 7.41
N MET A 136 10.14 -26.79 7.70
CA MET A 136 10.84 -26.03 6.63
C MET A 136 12.18 -25.53 7.13
N ILE A 137 13.11 -25.30 6.22
CA ILE A 137 14.37 -24.70 6.57
C ILE A 137 14.62 -23.53 5.61
N ASP A 138 15.43 -22.58 6.06
CA ASP A 138 15.80 -21.44 5.27
C ASP A 138 17.23 -21.69 4.84
N LEU A 139 17.50 -21.50 3.57
CA LEU A 139 18.85 -21.63 3.05
C LEU A 139 19.20 -20.36 2.33
N GLU A 140 20.36 -19.78 2.67
CA GLU A 140 20.83 -18.56 2.03
C GLU A 140 21.48 -18.84 0.67
N LEU A 141 20.97 -18.17 -0.36
CA LEU A 141 21.44 -18.37 -1.75
C LEU A 141 22.95 -18.31 -1.84
N PHE A 142 23.55 -17.26 -1.30
CA PHE A 142 25.01 -17.08 -1.42
C PHE A 142 25.90 -18.03 -0.60
N THR A 143 25.33 -19.12 -0.09
CA THR A 143 26.10 -20.12 0.63
C THR A 143 27.04 -20.89 -0.32
N GLY A 144 26.61 -21.05 -1.58
CA GLY A 144 27.35 -21.78 -2.61
C GLY A 144 26.36 -22.68 -3.36
N ASP A 145 26.34 -22.60 -4.69
CA ASP A 145 25.39 -23.38 -5.50
C ASP A 145 25.36 -24.86 -5.18
N ASP A 146 26.55 -25.46 -5.13
CA ASP A 146 26.69 -26.90 -4.91
C ASP A 146 26.17 -27.33 -3.55
N GLU A 147 26.57 -26.61 -2.50
CA GLU A 147 26.14 -26.93 -1.13
C GLU A 147 24.62 -26.74 -0.98
N VAL A 148 24.12 -25.63 -1.53
CA VAL A 148 22.72 -25.31 -1.51
C VAL A 148 21.92 -26.34 -2.27
N LYS A 149 22.35 -26.64 -3.49
CA LYS A 149 21.60 -27.59 -4.31
C LYS A 149 21.50 -28.98 -3.64
N ALA A 150 22.59 -29.42 -3.00
CA ALA A 150 22.59 -30.71 -2.31
C ALA A 150 21.67 -30.65 -1.09
N THR A 151 21.70 -29.53 -0.36
CA THR A 151 20.90 -29.44 0.86
C THR A 151 19.41 -29.32 0.55
N VAL A 152 19.08 -28.72 -0.60
CA VAL A 152 17.68 -28.64 -1.02
C VAL A 152 17.16 -30.05 -1.27
N GLY A 153 17.91 -30.81 -2.06
CA GLY A 153 17.55 -32.21 -2.34
C GLY A 153 17.40 -33.03 -1.05
N TYR A 154 18.32 -32.83 -0.12
CA TYR A 154 18.35 -33.55 1.15
C TYR A 154 17.07 -33.25 1.95
N ALA A 155 16.76 -31.98 2.03
CA ALA A 155 15.57 -31.53 2.71
C ALA A 155 14.36 -32.20 2.06
N HIS A 156 14.33 -32.19 0.72
CA HIS A 156 13.19 -32.77 0.03
C HIS A 156 13.07 -34.25 0.24
N GLN A 157 14.19 -34.94 0.38
CA GLN A 157 14.13 -36.37 0.63
C GLN A 157 13.56 -36.65 2.00
N HIS A 158 13.45 -35.64 2.87
CA HIS A 158 12.87 -35.87 4.20
C HIS A 158 11.56 -35.12 4.41
N ASN A 159 10.91 -34.74 3.32
CA ASN A 159 9.64 -34.01 3.38
C ASN A 159 9.74 -32.68 4.12
N VAL A 160 10.86 -31.97 3.91
CA VAL A 160 11.08 -30.68 4.48
C VAL A 160 11.14 -29.66 3.34
N ALA A 161 10.35 -28.59 3.46
CA ALA A 161 10.31 -27.53 2.48
C ALA A 161 11.41 -26.52 2.70
N VAL A 162 11.81 -25.84 1.63
CA VAL A 162 12.90 -24.91 1.68
C VAL A 162 12.49 -23.53 1.23
N ILE A 163 12.77 -22.54 2.08
CA ILE A 163 12.67 -21.14 1.73
C ILE A 163 14.12 -20.76 1.44
N MET A 164 14.41 -20.27 0.23
CA MET A 164 15.75 -19.84 -0.10
C MET A 164 15.75 -18.32 -0.05
N SER A 165 16.73 -17.76 0.64
CA SER A 165 16.75 -16.34 0.89
C SER A 165 18.00 -15.61 0.47
N ASN A 166 17.81 -14.32 0.16
CA ASN A 166 18.86 -13.42 -0.16
C ASN A 166 18.49 -12.06 0.43
N HIS A 167 19.49 -11.36 0.94
CA HIS A 167 19.29 -10.08 1.56
C HIS A 167 20.25 -9.05 1.07
N ASP A 168 19.78 -7.82 1.04
CA ASP A 168 20.64 -6.70 0.74
C ASP A 168 20.24 -5.61 1.69
N PHE A 169 21.05 -5.42 2.73
CA PHE A 169 20.76 -4.45 3.80
C PHE A 169 21.21 -3.01 3.59
N HIS A 170 21.81 -2.71 2.45
CA HIS A 170 22.27 -1.35 2.27
C HIS A 170 21.68 -0.66 1.06
N LYS A 171 21.20 -1.43 0.09
CA LYS A 171 20.60 -0.85 -1.09
C LYS A 171 19.62 -1.81 -1.78
N THR A 172 18.91 -1.26 -2.76
CA THR A 172 17.96 -2.02 -3.53
C THR A 172 18.58 -2.17 -4.94
N PRO A 173 18.79 -3.40 -5.40
CA PRO A 173 19.37 -3.48 -6.76
C PRO A 173 18.34 -3.22 -7.84
N ALA A 174 18.80 -3.11 -9.09
CA ALA A 174 17.89 -2.96 -10.21
C ALA A 174 16.82 -4.08 -10.19
N ALA A 175 15.64 -3.80 -10.71
CA ALA A 175 14.54 -4.78 -10.71
C ALA A 175 14.94 -6.07 -11.42
N GLU A 176 15.65 -5.93 -12.52
CA GLU A 176 16.07 -7.09 -13.27
C GLU A 176 17.03 -7.98 -12.48
N GLU A 177 17.97 -7.41 -11.75
CA GLU A 177 18.85 -8.22 -10.91
C GLU A 177 18.01 -8.95 -9.83
N ILE A 178 17.06 -8.24 -9.22
CA ILE A 178 16.15 -8.86 -8.21
C ILE A 178 15.45 -10.04 -8.85
N VAL A 179 14.92 -9.84 -10.04
CA VAL A 179 14.26 -10.91 -10.78
C VAL A 179 15.16 -12.12 -11.05
N GLN A 180 16.42 -11.89 -11.46
CA GLN A 180 17.33 -13.00 -11.75
C GLN A 180 17.72 -13.75 -10.49
N ARG A 181 17.85 -13.06 -9.37
CA ARG A 181 18.12 -13.78 -8.13
C ARG A 181 16.95 -14.69 -7.74
N LEU A 182 15.73 -14.23 -7.91
CA LEU A 182 14.56 -15.05 -7.59
C LEU A 182 14.47 -16.25 -8.55
N ARG A 183 14.82 -16.03 -9.83
CA ARG A 183 14.84 -17.13 -10.78
C ARG A 183 15.91 -18.17 -10.42
N LYS A 184 17.09 -17.73 -9.99
CA LYS A 184 18.17 -18.66 -9.61
C LYS A 184 17.69 -19.50 -8.41
N MET A 185 17.13 -18.84 -7.41
CA MET A 185 16.54 -19.57 -6.29
C MET A 185 15.61 -20.65 -6.78
N GLN A 186 14.71 -20.32 -7.70
CA GLN A 186 13.82 -21.35 -8.27
C GLN A 186 14.60 -22.45 -8.94
N GLU A 187 15.55 -22.06 -9.79
CA GLU A 187 16.43 -23.01 -10.52
C GLU A 187 17.13 -24.00 -9.54
N LEU A 188 17.62 -23.50 -8.40
CA LEU A 188 18.25 -24.37 -7.39
C LEU A 188 17.24 -25.25 -6.60
N GLY A 189 15.96 -25.12 -6.89
CA GLY A 189 14.94 -25.97 -6.23
C GLY A 189 14.24 -25.45 -4.99
N ALA A 190 14.41 -24.18 -4.67
CA ALA A 190 13.74 -23.58 -3.53
C ALA A 190 12.25 -23.74 -3.68
N ASP A 191 11.55 -24.08 -2.60
CA ASP A 191 10.09 -24.18 -2.62
C ASP A 191 9.47 -22.77 -2.66
N ILE A 192 10.09 -21.86 -1.92
CA ILE A 192 9.66 -20.48 -1.83
C ILE A 192 10.87 -19.57 -1.87
N PRO A 193 11.13 -18.95 -3.03
CA PRO A 193 12.21 -17.97 -3.10
C PRO A 193 11.87 -16.73 -2.25
N LYS A 194 12.85 -16.20 -1.51
CA LYS A 194 12.63 -15.05 -0.64
C LYS A 194 13.72 -14.00 -0.85
N ILE A 195 13.32 -12.74 -0.97
CA ILE A 195 14.29 -11.66 -1.07
C ILE A 195 13.89 -10.42 -0.26
N ALA A 196 14.87 -9.85 0.41
CA ALA A 196 14.70 -8.68 1.22
C ALA A 196 15.76 -7.65 0.90
N VAL A 197 15.33 -6.45 0.55
CA VAL A 197 16.22 -5.37 0.19
C VAL A 197 15.91 -4.09 0.95
N MET A 198 16.92 -3.23 1.02
CA MET A 198 16.82 -1.97 1.75
C MET A 198 16.66 -0.79 0.81
N PRO A 199 15.58 -0.02 1.00
CA PRO A 199 15.36 1.17 0.21
C PRO A 199 16.17 2.35 0.74
N GLN A 200 16.81 3.09 -0.17
CA GLN A 200 17.45 4.36 0.20
C GLN A 200 16.57 5.54 -0.23
N THR A 201 15.62 5.29 -1.14
CA THR A 201 14.72 6.30 -1.67
C THR A 201 13.34 5.70 -1.81
N LYS A 202 12.34 6.51 -2.10
CA LYS A 202 10.99 6.00 -2.35
C LYS A 202 10.94 5.19 -3.62
N ALA A 203 11.68 5.60 -4.64
CA ALA A 203 11.69 4.85 -5.88
C ALA A 203 12.14 3.41 -5.66
N ASP A 204 13.07 3.20 -4.74
CA ASP A 204 13.58 1.86 -4.43
C ASP A 204 12.46 0.94 -3.97
N VAL A 205 11.49 1.46 -3.21
CA VAL A 205 10.38 0.60 -2.73
C VAL A 205 9.59 0.09 -3.95
N LEU A 206 9.30 1.00 -4.87
CA LEU A 206 8.59 0.68 -6.08
C LEU A 206 9.40 -0.28 -6.95
N THR A 207 10.73 -0.18 -6.89
CA THR A 207 11.58 -1.08 -7.68
C THR A 207 11.39 -2.51 -7.16
N LEU A 208 11.34 -2.70 -5.85
CA LEU A 208 11.13 -4.01 -5.27
C LEU A 208 9.76 -4.59 -5.70
N LEU A 209 8.73 -3.76 -5.68
CA LEU A 209 7.38 -4.16 -6.08
C LEU A 209 7.34 -4.51 -7.58
N THR A 210 8.06 -3.74 -8.39
CA THR A 210 8.15 -4.00 -9.82
C THR A 210 8.74 -5.39 -10.05
N ALA A 211 9.81 -5.70 -9.32
CA ALA A 211 10.48 -6.98 -9.45
C ALA A 211 9.57 -8.11 -9.04
N THR A 212 8.76 -7.88 -8.01
CA THR A 212 7.85 -8.91 -7.53
C THR A 212 6.84 -9.22 -8.59
N VAL A 213 6.22 -8.18 -9.13
CA VAL A 213 5.25 -8.34 -10.20
C VAL A 213 5.85 -9.05 -11.43
N GLU A 214 6.99 -8.56 -11.90
CA GLU A 214 7.64 -9.17 -13.08
C GLU A 214 7.94 -10.65 -12.87
N MET A 215 8.51 -11.00 -11.72
CA MET A 215 8.83 -12.40 -11.40
C MET A 215 7.56 -13.24 -11.42
N GLN A 216 6.59 -12.83 -10.61
CA GLN A 216 5.28 -13.50 -10.50
C GLN A 216 4.57 -13.80 -11.81
N GLU A 217 4.43 -12.81 -12.67
CA GLU A 217 3.70 -12.97 -13.92
C GLU A 217 4.47 -13.74 -15.00
N ARG A 218 5.78 -13.53 -15.05
CA ARG A 218 6.58 -14.07 -16.14
C ARG A 218 7.48 -15.28 -15.87
N TYR A 219 7.88 -15.50 -14.62
CA TYR A 219 8.79 -16.62 -14.30
C TYR A 219 8.38 -17.58 -13.18
N ALA A 220 7.64 -17.12 -12.21
CA ALA A 220 7.29 -17.98 -11.08
C ALA A 220 6.39 -19.18 -11.38
N ASP A 221 6.80 -20.37 -10.93
CA ASP A 221 5.91 -21.53 -10.93
C ASP A 221 5.71 -21.99 -9.47
N ARG A 222 5.94 -21.07 -8.53
CA ARG A 222 5.78 -21.35 -7.11
C ARG A 222 5.67 -20.02 -6.37
N PRO A 223 5.31 -20.05 -5.08
CA PRO A 223 5.20 -18.80 -4.38
C PRO A 223 6.54 -18.13 -4.07
N ILE A 224 6.51 -16.80 -4.02
CA ILE A 224 7.66 -16.02 -3.64
C ILE A 224 7.31 -15.07 -2.48
N ILE A 225 8.33 -14.71 -1.69
CA ILE A 225 8.23 -13.75 -0.59
C ILE A 225 9.18 -12.60 -0.88
N THR A 226 8.67 -11.37 -0.93
CA THR A 226 9.54 -10.20 -1.13
C THR A 226 9.24 -9.11 -0.11
N MET A 227 10.25 -8.29 0.13
CA MET A 227 10.09 -7.17 1.03
C MET A 227 11.13 -6.08 0.85
N SER A 228 10.65 -4.85 0.97
CA SER A 228 11.45 -3.66 1.05
C SER A 228 11.45 -3.36 2.55
N MET A 229 12.62 -3.37 3.18
CA MET A 229 12.75 -3.17 4.63
C MET A 229 12.61 -1.72 5.07
N SER A 230 12.57 -1.52 6.38
CA SER A 230 12.48 -0.19 7.01
C SER A 230 11.07 0.39 6.95
N LYS A 231 10.87 1.49 7.66
CA LYS A 231 9.55 2.12 7.72
C LYS A 231 9.14 2.59 6.33
N THR A 232 10.12 3.06 5.55
CA THR A 232 9.84 3.50 4.19
C THR A 232 9.24 2.43 3.30
N GLY A 233 9.66 1.19 3.47
CA GLY A 233 9.16 0.10 2.62
C GLY A 233 8.00 -0.71 3.16
N VAL A 234 7.44 -0.31 4.29
CA VAL A 234 6.38 -1.11 4.95
C VAL A 234 5.22 -1.50 4.03
N ILE A 235 4.87 -0.63 3.10
CA ILE A 235 3.81 -0.95 2.14
C ILE A 235 4.05 -2.30 1.40
N SER A 236 5.32 -2.68 1.22
CA SER A 236 5.67 -3.96 0.57
C SER A 236 5.30 -5.16 1.43
N ARG A 237 5.15 -4.94 2.72
CA ARG A 237 4.76 -5.97 3.66
C ARG A 237 3.24 -6.11 3.78
N LEU A 238 2.51 -5.20 3.16
CA LEU A 238 1.05 -5.15 3.28
C LEU A 238 0.30 -5.44 1.97
N ALA A 239 0.94 -5.20 0.82
CA ALA A 239 0.26 -5.34 -0.48
C ALA A 239 0.66 -6.56 -1.28
N GLY A 240 0.97 -7.65 -0.60
CA GLY A 240 1.40 -8.87 -1.27
C GLY A 240 0.33 -9.52 -2.12
N GLU A 241 -0.92 -9.45 -1.68
CA GLU A 241 -1.97 -10.11 -2.42
C GLU A 241 -2.06 -9.58 -3.87
N VAL A 242 -2.03 -8.27 -4.06
CA VAL A 242 -2.09 -7.71 -5.40
C VAL A 242 -0.75 -7.86 -6.16
N PHE A 243 0.38 -7.53 -5.51
CA PHE A 243 1.68 -7.56 -6.21
C PHE A 243 2.36 -8.92 -6.28
N GLY A 244 1.97 -9.84 -5.40
CA GLY A 244 2.44 -11.21 -5.49
C GLY A 244 3.36 -11.80 -4.45
N SER A 245 3.56 -11.15 -3.30
CA SER A 245 4.38 -11.75 -2.26
C SER A 245 3.41 -12.65 -1.45
N ALA A 246 3.74 -13.91 -1.22
CA ALA A 246 2.84 -14.87 -0.59
C ALA A 246 2.82 -14.88 0.94
N ALA A 247 3.80 -14.25 1.56
CA ALA A 247 3.88 -14.20 3.03
C ALA A 247 4.56 -12.93 3.45
N THR A 248 4.33 -12.55 4.70
N THR A 248 4.31 -12.55 4.70
CA THR A 248 4.86 -11.31 5.22
CA THR A 248 4.85 -11.33 5.25
C THR A 248 5.14 -11.47 6.72
C THR A 248 5.17 -11.52 6.72
N PHE A 249 6.22 -10.84 7.19
CA PHE A 249 6.66 -10.92 8.59
C PHE A 249 6.09 -9.80 9.44
N GLY A 250 5.64 -10.18 10.62
CA GLY A 250 5.10 -9.23 11.59
C GLY A 250 5.83 -9.45 12.88
N ALA A 251 5.68 -8.53 13.83
CA ALA A 251 6.35 -8.61 15.12
C ALA A 251 5.35 -8.88 16.23
N VAL A 252 5.62 -9.85 17.09
CA VAL A 252 4.72 -10.08 18.23
C VAL A 252 5.15 -9.04 19.26
N LYS A 253 6.41 -9.16 19.68
CA LYS A 253 7.03 -8.24 20.62
C LYS A 253 7.99 -7.34 19.85
N LYS A 254 9.20 -7.84 19.58
CA LYS A 254 10.23 -7.08 18.87
C LYS A 254 10.45 -7.57 17.42
N ALA A 255 10.68 -6.61 16.54
CA ALA A 255 10.88 -6.90 15.11
C ALA A 255 12.14 -7.75 14.88
N SER A 256 12.02 -8.75 14.02
CA SER A 256 13.17 -9.58 13.65
C SER A 256 13.92 -8.96 12.47
N ALA A 257 13.40 -7.85 11.96
CA ALA A 257 14.03 -7.09 10.87
C ALA A 257 13.33 -5.74 10.77
N PRO A 258 14.02 -4.69 10.31
CA PRO A 258 13.39 -3.36 10.28
C PRO A 258 12.19 -3.23 9.32
N GLY A 259 11.14 -2.55 9.79
CA GLY A 259 9.96 -2.30 8.99
C GLY A 259 8.74 -3.13 9.36
N GLN A 260 8.95 -4.20 10.11
CA GLN A 260 7.87 -5.06 10.55
C GLN A 260 6.94 -4.30 11.50
N ILE A 261 5.63 -4.51 11.36
CA ILE A 261 4.66 -3.91 12.28
C ILE A 261 4.09 -5.01 13.14
N SER A 262 3.22 -4.66 14.08
CA SER A 262 2.66 -5.69 14.96
C SER A 262 1.78 -6.66 14.15
N VAL A 263 1.69 -7.89 14.61
CA VAL A 263 0.86 -8.90 13.99
C VAL A 263 -0.60 -8.47 13.91
N ALA A 264 -1.13 -7.84 14.96
CA ALA A 264 -2.52 -7.35 14.92
C ALA A 264 -2.72 -6.36 13.74
N ASP A 265 -1.85 -5.36 13.64
CA ASP A 265 -1.99 -4.35 12.59
C ASP A 265 -1.84 -4.95 11.21
N LEU A 266 -0.96 -5.94 11.12
CA LEU A 266 -0.67 -6.59 9.87
C LEU A 266 -1.89 -7.36 9.37
N ARG A 267 -2.48 -8.13 10.28
CA ARG A 267 -3.64 -8.90 9.96
C ARG A 267 -4.77 -7.99 9.56
N THR A 268 -4.88 -6.86 10.26
CA THR A 268 -5.94 -5.89 9.98
C THR A 268 -5.87 -5.38 8.54
N VAL A 269 -4.70 -4.93 8.11
CA VAL A 269 -4.54 -4.45 6.73
C VAL A 269 -4.78 -5.57 5.72
N LEU A 270 -4.17 -6.75 5.94
CA LEU A 270 -4.33 -7.88 5.01
C LEU A 270 -5.80 -8.26 4.81
N THR A 271 -6.57 -8.26 5.89
CA THR A 271 -7.99 -8.55 5.78
C THR A 271 -8.72 -7.45 5.00
N ILE A 272 -8.45 -6.19 5.33
CA ILE A 272 -9.12 -5.10 4.67
C ILE A 272 -8.84 -5.16 3.15
N LEU A 273 -7.62 -5.52 2.79
CA LEU A 273 -7.23 -5.59 1.37
C LEU A 273 -7.68 -6.85 0.65
N HIS A 274 -8.08 -7.88 1.39
CA HIS A 274 -8.50 -9.13 0.76
C HIS A 274 -9.94 -8.99 0.31
N GLN A 275 -10.72 -8.30 1.13
CA GLN A 275 -12.15 -8.09 0.90
C GLN A 275 -12.40 -7.00 -0.13
N MET B 1 -11.41 41.27 -16.02
CA MET B 1 -12.64 42.11 -16.18
C MET B 1 -13.60 42.00 -14.97
N HIS B 2 -13.26 41.17 -13.97
CA HIS B 2 -14.08 41.06 -12.76
C HIS B 2 -13.48 41.99 -11.73
N HIS B 3 -14.26 42.98 -11.28
CA HIS B 3 -13.78 44.00 -10.35
C HIS B 3 -14.51 43.95 -9.01
N HIS B 4 -13.79 44.15 -7.91
CA HIS B 4 -14.41 44.24 -6.56
C HIS B 4 -14.23 45.64 -5.97
N HIS B 5 -15.29 46.18 -5.40
CA HIS B 5 -15.28 47.53 -4.84
C HIS B 5 -14.24 47.70 -3.73
N ASN B 17 -15.00 32.96 3.57
CA ASN B 17 -13.99 32.14 2.91
C ASN B 17 -12.65 32.80 2.86
N LEU B 18 -11.63 32.02 3.20
CA LEU B 18 -10.26 32.47 3.14
C LEU B 18 -9.42 31.25 3.47
N TYR B 19 -8.61 30.82 2.51
CA TYR B 19 -7.78 29.69 2.70
C TYR B 19 -6.34 30.21 2.58
N PHE B 20 -5.39 29.42 3.08
CA PHE B 20 -4.00 29.80 3.05
C PHE B 20 -3.25 28.83 2.20
N GLN B 21 -2.07 29.23 1.76
CA GLN B 21 -1.24 28.32 0.98
C GLN B 21 0.22 28.71 1.20
N SER B 22 1.02 27.70 1.51
CA SER B 22 2.41 27.88 1.78
C SER B 22 3.19 27.12 0.70
N ASN B 23 3.69 27.86 -0.28
CA ASN B 23 4.48 27.24 -1.36
C ASN B 23 5.67 26.53 -0.76
N ALA B 24 6.36 27.19 0.16
CA ALA B 24 7.53 26.62 0.81
C ALA B 24 7.24 25.31 1.55
N MET B 25 6.12 25.26 2.28
CA MET B 25 5.75 24.05 3.02
CA MET B 25 5.75 24.05 3.03
C MET B 25 4.93 23.07 2.19
N LYS B 26 4.57 23.48 0.98
CA LYS B 26 3.78 22.65 0.06
C LYS B 26 2.43 22.24 0.68
N THR B 27 1.77 23.20 1.32
CA THR B 27 0.48 22.96 1.94
C THR B 27 -0.57 23.95 1.47
N VAL B 28 -1.83 23.53 1.60
CA VAL B 28 -3.00 24.36 1.35
C VAL B 28 -3.89 24.18 2.59
N THR B 29 -4.34 25.24 3.18
CA THR B 29 -5.15 25.14 4.37
C THR B 29 -6.51 25.75 4.10
N VAL B 30 -7.56 24.96 4.23
CA VAL B 30 -8.84 25.27 4.02
CA VAL B 30 -8.85 25.24 4.01
C VAL B 30 -9.70 24.92 5.30
N ARG B 31 -10.34 25.91 5.91
CA ARG B 31 -10.99 25.75 7.21
C ARG B 31 -10.26 25.10 8.33
N ASP B 32 -9.01 25.40 8.52
CA ASP B 32 -8.28 24.72 9.58
C ASP B 32 -7.74 23.31 9.17
N LEU B 33 -8.16 22.76 8.05
CA LEU B 33 -7.59 21.53 7.55
C LEU B 33 -6.29 21.84 6.78
N VAL B 34 -5.18 21.23 7.19
CA VAL B 34 -3.89 21.45 6.51
C VAL B 34 -3.63 20.33 5.53
N VAL B 35 -3.97 20.55 4.28
CA VAL B 35 -3.72 19.54 3.25
C VAL B 35 -2.24 19.63 2.88
N GLY B 36 -1.56 18.48 2.85
CA GLY B 36 -0.12 18.42 2.51
C GLY B 36 0.78 18.20 3.72
N GLU B 37 0.16 17.94 4.85
CA GLU B 37 0.86 17.73 6.12
C GLU B 37 0.32 16.47 6.76
N GLY B 38 1.20 15.70 7.39
CA GLY B 38 0.84 14.47 8.12
C GLY B 38 0.19 13.40 7.27
N ALA B 39 -0.80 12.72 7.84
CA ALA B 39 -1.50 11.64 7.11
C ALA B 39 -2.41 12.22 6.03
N PRO B 40 -2.58 11.50 4.91
CA PRO B 40 -3.45 11.93 3.83
C PRO B 40 -4.86 12.20 4.35
N LYS B 41 -5.51 13.21 3.79
CA LYS B 41 -6.89 13.58 4.17
C LYS B 41 -7.93 12.80 3.37
N ILE B 42 -9.02 12.45 4.06
CA ILE B 42 -10.09 11.67 3.48
C ILE B 42 -11.17 12.58 2.93
N ILE B 43 -11.54 12.32 1.68
CA ILE B 43 -12.58 13.04 0.99
C ILE B 43 -13.66 12.01 0.70
N VAL B 44 -14.92 12.43 0.75
CA VAL B 44 -16.04 11.57 0.45
C VAL B 44 -16.93 12.34 -0.48
N SER B 45 -17.63 11.63 -1.36
CA SER B 45 -18.52 12.25 -2.32
C SER B 45 -19.99 12.08 -1.97
N LEU B 46 -20.73 13.17 -2.08
CA LEU B 46 -22.19 13.18 -1.88
C LEU B 46 -22.76 13.21 -3.31
N MET B 47 -23.62 12.24 -3.63
CA MET B 47 -24.14 12.06 -5.02
C MET B 47 -25.66 12.01 -5.23
N GLY B 48 -26.41 12.84 -4.52
CA GLY B 48 -27.87 12.88 -4.63
C GLY B 48 -28.44 13.46 -5.91
N LYS B 49 -29.57 12.90 -6.32
CA LYS B 49 -30.23 13.29 -7.59
C LYS B 49 -31.11 14.53 -7.41
N THR B 50 -31.83 14.58 -6.30
CA THR B 50 -32.74 15.68 -5.97
C THR B 50 -32.31 16.37 -4.69
N ILE B 51 -32.92 17.52 -4.40
CA ILE B 51 -32.60 18.26 -3.18
C ILE B 51 -32.83 17.39 -1.95
N THR B 52 -33.88 16.59 -1.99
CA THR B 52 -34.22 15.67 -0.88
C THR B 52 -33.08 14.67 -0.66
N ASP B 53 -32.59 14.09 -1.75
CA ASP B 53 -31.46 13.14 -1.69
C ASP B 53 -30.21 13.82 -1.14
N VAL B 54 -29.93 15.03 -1.60
CA VAL B 54 -28.75 15.75 -1.14
C VAL B 54 -28.82 16.02 0.36
N LYS B 55 -29.98 16.45 0.83
CA LYS B 55 -30.13 16.72 2.28
C LYS B 55 -29.98 15.46 3.12
N SER B 56 -30.58 14.35 2.69
CA SER B 56 -30.50 13.08 3.43
C SER B 56 -29.07 12.60 3.52
N GLU B 57 -28.33 12.69 2.41
CA GLU B 57 -26.94 12.28 2.38
CA GLU B 57 -26.94 12.26 2.39
C GLU B 57 -26.10 13.13 3.32
N ALA B 58 -26.30 14.44 3.28
CA ALA B 58 -25.53 15.35 4.13
C ALA B 58 -25.73 14.97 5.59
N LEU B 59 -26.99 14.73 5.96
CA LEU B 59 -27.33 14.36 7.35
C LEU B 59 -26.63 13.08 7.74
N ALA B 60 -26.73 12.05 6.91
CA ALA B 60 -26.05 10.77 7.18
C ALA B 60 -24.52 10.88 7.21
N TYR B 61 -23.94 11.62 6.28
CA TYR B 61 -22.47 11.75 6.20
C TYR B 61 -21.87 12.38 7.47
N ARG B 62 -22.65 13.21 8.14
CA ARG B 62 -22.22 13.86 9.37
C ARG B 62 -21.70 12.81 10.38
N GLU B 63 -22.18 11.58 10.30
CA GLU B 63 -21.72 10.50 11.20
C GLU B 63 -20.34 9.94 10.79
N ALA B 64 -19.99 10.06 9.51
CA ALA B 64 -18.73 9.50 9.01
C ALA B 64 -17.52 10.36 9.37
N ASP B 65 -16.35 9.72 9.43
CA ASP B 65 -15.10 10.37 9.75
C ASP B 65 -14.35 10.71 8.45
N PHE B 66 -14.54 11.91 7.94
CA PHE B 66 -13.89 12.35 6.69
C PHE B 66 -13.35 13.73 6.92
N ASP B 67 -12.52 14.22 5.99
CA ASP B 67 -11.91 15.52 6.15
C ASP B 67 -12.52 16.58 5.25
N ILE B 68 -12.89 16.18 4.04
CA ILE B 68 -13.43 17.06 3.06
C ILE B 68 -14.63 16.41 2.44
N LEU B 69 -15.61 17.23 2.15
CA LEU B 69 -16.84 16.77 1.54
C LEU B 69 -16.94 17.27 0.11
N GLU B 70 -16.95 16.35 -0.83
CA GLU B 70 -17.10 16.67 -2.25
C GLU B 70 -18.54 16.49 -2.70
N TRP B 71 -19.15 17.56 -3.18
CA TRP B 71 -20.48 17.47 -3.77
C TRP B 71 -20.31 17.20 -5.27
N ARG B 72 -20.71 16.00 -5.69
CA ARG B 72 -20.66 15.56 -7.10
C ARG B 72 -21.92 16.09 -7.79
N VAL B 73 -21.79 17.30 -8.27
CA VAL B 73 -22.88 18.05 -8.86
C VAL B 73 -23.40 17.43 -10.13
N ASP B 74 -22.57 16.63 -10.79
CA ASP B 74 -23.00 15.96 -12.02
C ASP B 74 -24.10 14.92 -11.76
N HIS B 75 -24.26 14.47 -10.51
CA HIS B 75 -25.37 13.52 -10.17
C HIS B 75 -26.69 14.25 -9.92
N PHE B 76 -26.63 15.57 -9.84
CA PHE B 76 -27.79 16.38 -9.49
C PHE B 76 -28.62 16.65 -10.75
N ALA B 77 -29.88 16.29 -10.67
CA ALA B 77 -30.83 16.39 -11.79
C ALA B 77 -31.04 17.81 -12.35
N ASN B 78 -31.16 18.79 -11.45
CA ASN B 78 -31.43 20.19 -11.84
C ASN B 78 -30.18 21.02 -11.91
N VAL B 79 -29.10 20.42 -12.35
CA VAL B 79 -27.82 21.11 -12.43
C VAL B 79 -27.90 22.40 -13.25
N THR B 80 -28.79 22.48 -14.23
CA THR B 80 -28.92 23.70 -15.07
C THR B 80 -29.93 24.71 -14.56
N THR B 81 -30.47 24.47 -13.37
CA THR B 81 -31.37 25.41 -12.76
C THR B 81 -30.56 26.07 -11.64
N ALA B 82 -30.15 27.31 -11.88
CA ALA B 82 -29.29 28.02 -10.97
C ALA B 82 -29.80 28.05 -9.52
N GLU B 83 -31.09 28.32 -9.34
CA GLU B 83 -31.68 28.40 -8.01
CA GLU B 83 -31.67 28.40 -8.00
C GLU B 83 -31.67 27.05 -7.30
N SER B 84 -31.74 25.97 -8.06
CA SER B 84 -31.74 24.63 -7.48
C SER B 84 -30.32 24.31 -6.99
N VAL B 85 -29.31 24.63 -7.81
CA VAL B 85 -27.97 24.39 -7.41
C VAL B 85 -27.68 25.10 -6.10
N LEU B 86 -28.02 26.39 -6.02
CA LEU B 86 -27.80 27.19 -4.84
C LEU B 86 -28.56 26.69 -3.59
N GLU B 87 -29.79 26.25 -3.75
CA GLU B 87 -30.54 25.71 -2.59
C GLU B 87 -29.80 24.46 -2.08
N ALA B 88 -29.39 23.58 -2.99
CA ALA B 88 -28.66 22.38 -2.60
C ALA B 88 -27.35 22.66 -1.88
N ALA B 89 -26.55 23.60 -2.40
CA ALA B 89 -25.27 23.99 -1.75
C ALA B 89 -25.51 24.52 -0.33
N GLY B 90 -26.48 25.43 -0.23
CA GLY B 90 -26.87 26.04 1.04
C GLY B 90 -27.26 24.97 2.02
N ALA B 91 -28.06 24.01 1.58
CA ALA B 91 -28.50 22.92 2.44
C ALA B 91 -27.33 22.10 2.96
N ILE B 92 -26.36 21.83 2.08
CA ILE B 92 -25.21 21.07 2.48
C ILE B 92 -24.42 21.86 3.49
N ARG B 93 -24.23 23.16 3.23
CA ARG B 93 -23.45 24.05 4.06
C ARG B 93 -24.05 24.21 5.47
N GLU B 94 -25.36 24.18 5.55
CA GLU B 94 -26.08 24.28 6.82
C GLU B 94 -25.95 23.03 7.66
N ILE B 95 -25.76 21.87 7.03
CA ILE B 95 -25.62 20.62 7.77
C ILE B 95 -24.16 20.33 8.11
N ILE B 96 -23.28 20.39 7.11
CA ILE B 96 -21.84 20.18 7.31
C ILE B 96 -21.21 21.56 7.40
N THR B 97 -21.15 22.10 8.61
CA THR B 97 -20.65 23.44 8.88
C THR B 97 -19.17 23.55 9.21
N ASP B 98 -18.52 22.43 9.54
CA ASP B 98 -17.13 22.48 10.02
C ASP B 98 -16.08 21.85 9.10
N LYS B 99 -16.49 21.42 7.90
CA LYS B 99 -15.58 20.77 6.94
C LYS B 99 -15.54 21.52 5.62
N PRO B 100 -14.38 21.53 4.96
CA PRO B 100 -14.34 22.16 3.64
C PRO B 100 -15.32 21.48 2.70
N LEU B 101 -16.01 22.27 1.88
CA LEU B 101 -16.93 21.77 0.88
C LEU B 101 -16.32 22.03 -0.49
N LEU B 102 -16.16 20.96 -1.25
CA LEU B 102 -15.62 20.98 -2.62
C LEU B 102 -16.75 20.75 -3.62
N PHE B 103 -16.87 21.65 -4.61
CA PHE B 103 -17.90 21.62 -5.63
C PHE B 103 -17.27 21.02 -6.86
N THR B 104 -17.82 19.88 -7.29
CA THR B 104 -17.28 19.14 -8.43
C THR B 104 -18.33 18.69 -9.42
N PHE B 105 -18.34 19.29 -10.61
CA PHE B 105 -19.14 18.76 -11.69
C PHE B 105 -18.15 17.94 -12.51
N ARG B 106 -18.27 16.63 -12.46
CA ARG B 106 -17.41 15.73 -13.21
C ARG B 106 -18.13 15.40 -14.52
N SER B 107 -17.46 15.68 -15.65
CA SER B 107 -18.03 15.43 -16.99
C SER B 107 -18.11 13.91 -17.29
N ALA B 108 -19.08 13.49 -18.11
CA ALA B 108 -19.33 12.06 -18.39
C ALA B 108 -18.11 11.31 -18.88
N LYS B 109 -17.35 11.93 -19.77
CA LYS B 109 -16.13 11.28 -20.27
C LYS B 109 -15.03 11.19 -19.21
N ALA B 110 -15.14 11.97 -18.15
CA ALA B 110 -14.14 11.95 -17.08
C ALA B 110 -14.63 11.11 -15.89
N GLY B 111 -15.73 10.39 -16.09
CA GLY B 111 -16.26 9.50 -15.07
C GLY B 111 -17.60 9.89 -14.49
N GLY B 112 -18.12 11.04 -14.94
CA GLY B 112 -19.35 11.60 -14.41
C GLY B 112 -20.63 11.03 -14.98
N GLU B 113 -21.73 11.71 -14.67
CA GLU B 113 -23.06 11.27 -15.05
C GLU B 113 -23.82 12.11 -16.06
N GLN B 114 -23.34 13.32 -16.34
CA GLN B 114 -23.98 14.20 -17.32
C GLN B 114 -22.88 14.94 -18.06
N ALA B 115 -23.31 15.67 -19.07
CA ALA B 115 -22.42 16.47 -19.88
C ALA B 115 -22.99 17.88 -20.03
N LEU B 116 -22.09 18.85 -20.07
CA LEU B 116 -22.46 20.23 -20.24
C LEU B 116 -21.58 20.84 -21.30
N THR B 117 -22.05 21.92 -21.91
CA THR B 117 -21.26 22.67 -22.89
C THR B 117 -20.15 23.39 -22.10
N THR B 118 -19.09 23.80 -22.77
CA THR B 118 -18.03 24.51 -22.09
C THR B 118 -18.64 25.75 -21.40
N GLY B 119 -19.53 26.45 -22.10
CA GLY B 119 -20.20 27.63 -21.59
C GLY B 119 -21.02 27.39 -20.31
N GLN B 120 -21.82 26.35 -20.29
CA GLN B 120 -22.62 25.98 -19.12
C GLN B 120 -21.74 25.61 -17.92
N TYR B 121 -20.66 24.88 -18.22
CA TYR B 121 -19.72 24.40 -17.22
C TYR B 121 -18.99 25.56 -16.53
N ILE B 122 -18.47 26.51 -17.32
CA ILE B 122 -17.79 27.68 -16.76
C ILE B 122 -18.78 28.50 -15.96
N ASP B 123 -19.96 28.70 -16.52
CA ASP B 123 -20.99 29.47 -15.85
C ASP B 123 -21.41 28.83 -14.52
N LEU B 124 -21.46 27.49 -14.50
CA LEU B 124 -21.84 26.74 -13.29
C LEU B 124 -20.80 26.94 -12.19
N ASN B 125 -19.52 26.82 -12.52
CA ASN B 125 -18.47 27.02 -11.53
C ASN B 125 -18.39 28.47 -11.05
N ARG B 126 -18.64 29.44 -11.94
CA ARG B 126 -18.62 30.84 -11.53
C ARG B 126 -19.74 31.12 -10.51
N ALA B 127 -20.93 30.65 -10.80
CA ALA B 127 -22.05 30.77 -9.87
C ALA B 127 -21.70 30.16 -8.53
N ALA B 128 -21.10 28.98 -8.54
CA ALA B 128 -20.65 28.28 -7.33
C ALA B 128 -19.68 29.17 -6.52
N VAL B 129 -18.69 29.71 -7.22
CA VAL B 129 -17.73 30.60 -6.60
C VAL B 129 -18.38 31.88 -6.08
N ASP B 130 -19.33 32.45 -6.83
CA ASP B 130 -19.95 33.70 -6.42
C ASP B 130 -20.78 33.47 -5.14
N SER B 131 -21.32 32.27 -4.96
CA SER B 131 -22.23 31.97 -3.83
C SER B 131 -21.62 32.10 -2.44
N GLY B 132 -20.32 31.90 -2.32
CA GLY B 132 -19.68 31.91 -1.01
C GLY B 132 -20.01 30.65 -0.19
N LEU B 133 -20.74 29.72 -0.80
CA LEU B 133 -21.16 28.50 -0.11
C LEU B 133 -20.16 27.34 -0.18
N VAL B 134 -19.18 27.43 -1.09
CA VAL B 134 -18.20 26.36 -1.22
C VAL B 134 -16.79 26.90 -1.00
N ASP B 135 -15.92 26.07 -0.44
CA ASP B 135 -14.56 26.46 -0.15
C ASP B 135 -13.59 26.16 -1.32
N MET B 136 -13.96 25.21 -2.16
CA MET B 136 -13.10 24.76 -3.28
C MET B 136 -13.96 24.34 -4.44
N ILE B 137 -13.41 24.43 -5.64
CA ILE B 137 -14.10 23.96 -6.84
C ILE B 137 -13.10 23.02 -7.55
N ASP B 138 -13.63 22.06 -8.29
CA ASP B 138 -12.84 21.17 -9.09
C ASP B 138 -12.96 21.69 -10.54
N LEU B 139 -11.81 21.83 -11.20
CA LEU B 139 -11.77 22.27 -12.59
C LEU B 139 -11.02 21.22 -13.41
N GLU B 140 -11.64 20.76 -14.48
CA GLU B 140 -11.05 19.71 -15.32
C GLU B 140 -10.10 20.37 -16.34
N LEU B 141 -8.93 19.76 -16.45
CA LEU B 141 -7.83 20.22 -17.29
C LEU B 141 -8.25 20.28 -18.73
N PHE B 142 -8.97 19.26 -19.20
CA PHE B 142 -9.48 19.23 -20.56
C PHE B 142 -10.45 20.34 -20.91
N THR B 143 -10.74 21.25 -19.96
CA THR B 143 -11.63 22.36 -20.26
C THR B 143 -10.95 23.36 -21.20
N GLY B 144 -9.62 23.29 -21.29
CA GLY B 144 -8.84 24.18 -22.15
C GLY B 144 -8.05 25.18 -21.33
N ASP B 145 -6.81 25.44 -21.73
CA ASP B 145 -5.92 26.35 -20.97
C ASP B 145 -6.50 27.75 -20.67
N ASP B 146 -7.00 28.43 -21.70
CA ASP B 146 -7.52 29.79 -21.55
C ASP B 146 -8.66 29.86 -20.55
N GLU B 147 -9.66 29.02 -20.76
CA GLU B 147 -10.85 28.99 -19.90
C GLU B 147 -10.46 28.62 -18.45
N VAL B 148 -9.59 27.62 -18.31
CA VAL B 148 -9.16 27.17 -17.01
C VAL B 148 -8.38 28.24 -16.27
N LYS B 149 -7.47 28.90 -16.97
CA LYS B 149 -6.63 29.90 -16.35
C LYS B 149 -7.48 31.06 -15.83
N ALA B 150 -8.51 31.40 -16.60
CA ALA B 150 -9.39 32.49 -16.24
C ALA B 150 -10.25 32.10 -15.05
N THR B 151 -10.74 30.87 -15.05
CA THR B 151 -11.61 30.43 -13.96
C THR B 151 -10.81 30.21 -12.69
N VAL B 152 -9.54 29.80 -12.82
CA VAL B 152 -8.68 29.67 -11.66
C VAL B 152 -8.53 31.05 -11.02
N GLY B 153 -8.22 32.03 -11.85
CA GLY B 153 -8.10 33.42 -11.37
C GLY B 153 -9.39 33.92 -10.70
N TYR B 154 -10.53 33.57 -11.29
CA TYR B 154 -11.86 33.98 -10.79
C TYR B 154 -12.07 33.39 -9.39
N ALA B 155 -11.78 32.12 -9.24
CA ALA B 155 -11.88 31.44 -7.94
C ALA B 155 -10.98 32.13 -6.90
N HIS B 156 -9.72 32.36 -7.27
CA HIS B 156 -8.77 33.02 -6.36
C HIS B 156 -9.19 34.44 -5.94
N GLN B 157 -9.78 35.18 -6.85
CA GLN B 157 -10.34 36.50 -6.56
C GLN B 157 -11.43 36.45 -5.48
N HIS B 158 -12.04 35.28 -5.29
CA HIS B 158 -13.08 35.10 -4.24
C HIS B 158 -12.67 34.18 -3.11
N ASN B 159 -11.36 33.94 -2.97
CA ASN B 159 -10.83 33.10 -1.91
C ASN B 159 -11.36 31.67 -1.94
N VAL B 160 -11.56 31.16 -3.15
CA VAL B 160 -11.97 29.80 -3.38
C VAL B 160 -10.75 29.07 -3.97
N ALA B 161 -10.37 27.97 -3.33
CA ALA B 161 -9.24 27.13 -3.80
C ALA B 161 -9.66 26.20 -4.94
N VAL B 162 -8.69 25.79 -5.74
CA VAL B 162 -8.99 25.00 -6.91
C VAL B 162 -8.23 23.68 -6.87
N ILE B 163 -8.95 22.62 -7.13
CA ILE B 163 -8.37 21.33 -7.33
C ILE B 163 -8.52 21.16 -8.82
N MET B 164 -7.43 21.05 -9.56
CA MET B 164 -7.52 20.87 -11.01
C MET B 164 -7.35 19.38 -11.30
N SER B 165 -8.25 18.80 -12.05
CA SER B 165 -8.21 17.37 -12.22
C SER B 165 -8.11 16.88 -13.66
N ASN B 166 -7.53 15.70 -13.80
CA ASN B 166 -7.38 15.05 -15.10
C ASN B 166 -7.61 13.54 -14.91
N HIS B 167 -8.24 12.91 -15.89
CA HIS B 167 -8.56 11.51 -15.80
C HIS B 167 -8.31 10.72 -17.05
N ASP B 168 -7.94 9.46 -16.85
CA ASP B 168 -7.88 8.52 -17.95
C ASP B 168 -8.50 7.22 -17.48
N PHE B 169 -9.69 6.94 -17.97
CA PHE B 169 -10.43 5.75 -17.63
C PHE B 169 -10.11 4.49 -18.45
N HIS B 170 -9.36 4.61 -19.54
CA HIS B 170 -9.00 3.45 -20.35
C HIS B 170 -7.62 2.89 -20.00
N LYS B 171 -6.68 3.75 -19.67
CA LYS B 171 -5.31 3.31 -19.51
C LYS B 171 -4.51 4.26 -18.63
N THR B 172 -3.30 3.82 -18.32
CA THR B 172 -2.36 4.59 -17.54
C THR B 172 -1.25 5.13 -18.46
N PRO B 173 -1.15 6.46 -18.62
CA PRO B 173 -0.05 6.98 -19.46
C PRO B 173 1.33 6.80 -18.85
N ALA B 174 2.38 6.99 -19.66
CA ALA B 174 3.73 6.84 -19.16
C ALA B 174 3.98 7.76 -17.99
N ALA B 175 4.84 7.34 -17.04
CA ALA B 175 5.12 8.19 -15.86
C ALA B 175 5.47 9.63 -16.23
N GLU B 176 6.32 9.80 -17.27
N GLU B 176 6.33 9.80 -17.25
CA GLU B 176 6.76 11.13 -17.70
CA GLU B 176 6.77 11.10 -17.72
C GLU B 176 5.59 12.00 -18.14
C GLU B 176 5.60 11.99 -18.14
N GLU B 177 4.61 11.40 -18.82
CA GLU B 177 3.45 12.14 -19.27
C GLU B 177 2.56 12.51 -18.05
N ILE B 178 2.50 11.61 -17.08
CA ILE B 178 1.68 11.89 -15.85
C ILE B 178 2.33 13.06 -15.12
N VAL B 179 3.64 13.03 -14.98
CA VAL B 179 4.36 14.12 -14.35
C VAL B 179 4.14 15.44 -15.08
N GLN B 180 4.18 15.43 -16.41
CA GLN B 180 3.99 16.67 -17.14
C GLN B 180 2.59 17.24 -16.95
N ARG B 181 1.57 16.40 -16.99
CA ARG B 181 0.22 16.91 -16.77
C ARG B 181 0.10 17.53 -15.35
N LEU B 182 0.68 16.88 -14.35
CA LEU B 182 0.66 17.45 -12.97
C LEU B 182 1.39 18.80 -12.93
N ARG B 183 2.51 18.93 -13.65
CA ARG B 183 3.22 20.21 -13.69
C ARG B 183 2.43 21.27 -14.41
N LYS B 184 1.79 20.90 -15.53
CA LYS B 184 0.97 21.84 -16.29
C LYS B 184 -0.17 22.37 -15.43
N MET B 185 -0.79 21.49 -14.65
CA MET B 185 -1.87 21.93 -13.76
C MET B 185 -1.37 22.93 -12.75
N GLN B 186 -0.20 22.65 -12.15
CA GLN B 186 0.43 23.59 -11.21
C GLN B 186 0.71 24.94 -11.88
N GLU B 187 1.21 24.87 -13.11
CA GLU B 187 1.54 26.07 -13.86
C GLU B 187 0.30 26.92 -14.17
N LEU B 188 -0.84 26.26 -14.37
CA LEU B 188 -2.10 26.95 -14.64
C LEU B 188 -2.70 27.53 -13.34
N GLY B 189 -2.01 27.36 -12.21
CA GLY B 189 -2.41 27.94 -10.92
C GLY B 189 -3.23 27.05 -10.01
N ALA B 190 -3.38 25.77 -10.33
CA ALA B 190 -4.14 24.86 -9.45
C ALA B 190 -3.52 24.83 -8.07
N ASP B 191 -4.34 24.86 -7.04
CA ASP B 191 -3.85 24.74 -5.68
C ASP B 191 -3.47 23.30 -5.39
N ILE B 192 -4.26 22.36 -5.89
CA ILE B 192 -4.00 20.95 -5.74
C ILE B 192 -4.26 20.24 -7.06
N PRO B 193 -3.18 19.89 -7.77
CA PRO B 193 -3.33 19.10 -8.97
C PRO B 193 -3.81 17.70 -8.59
N LYS B 194 -4.68 17.12 -9.40
CA LYS B 194 -5.22 15.81 -9.19
C LYS B 194 -5.21 14.97 -10.47
N ILE B 195 -4.80 13.72 -10.38
CA ILE B 195 -4.89 12.85 -11.52
C ILE B 195 -5.30 11.43 -11.16
N ALA B 196 -6.26 10.91 -11.92
CA ALA B 196 -6.77 9.55 -11.75
C ALA B 196 -6.62 8.79 -13.07
N VAL B 197 -5.98 7.63 -13.02
CA VAL B 197 -5.77 6.84 -14.22
C VAL B 197 -6.14 5.38 -13.97
N MET B 198 -6.45 4.66 -15.04
CA MET B 198 -6.90 3.27 -14.97
C MET B 198 -5.76 2.31 -15.29
N PRO B 199 -5.47 1.37 -14.37
CA PRO B 199 -4.45 0.43 -14.67
C PRO B 199 -5.02 -0.71 -15.52
N GLN B 200 -4.22 -1.19 -16.48
CA GLN B 200 -4.56 -2.36 -17.28
C GLN B 200 -3.73 -3.53 -16.78
N THR B 201 -2.62 -3.23 -16.10
CA THR B 201 -1.74 -4.25 -15.56
C THR B 201 -1.33 -3.80 -14.16
N LYS B 202 -0.75 -4.69 -13.38
CA LYS B 202 -0.27 -4.31 -12.04
C LYS B 202 0.85 -3.32 -12.15
N ALA B 203 1.69 -3.43 -13.20
CA ALA B 203 2.78 -2.48 -13.41
C ALA B 203 2.26 -1.08 -13.56
N ASP B 204 1.10 -0.93 -14.20
CA ASP B 204 0.48 0.39 -14.38
C ASP B 204 0.25 1.09 -13.02
N VAL B 205 -0.05 0.30 -11.99
CA VAL B 205 -0.26 0.88 -10.66
C VAL B 205 1.05 1.47 -10.17
N LEU B 206 2.14 0.75 -10.41
CA LEU B 206 3.43 1.21 -9.97
C LEU B 206 3.91 2.44 -10.78
N THR B 207 3.49 2.53 -12.04
CA THR B 207 3.80 3.67 -12.89
C THR B 207 3.16 4.95 -12.34
N LEU B 208 1.91 4.84 -11.85
CA LEU B 208 1.23 5.97 -11.25
C LEU B 208 1.97 6.42 -9.99
N LEU B 209 2.36 5.46 -9.16
CA LEU B 209 3.10 5.79 -7.91
C LEU B 209 4.48 6.42 -8.25
N THR B 210 5.14 5.87 -9.26
CA THR B 210 6.45 6.43 -9.71
C THR B 210 6.30 7.90 -10.05
N ALA B 211 5.22 8.22 -10.76
CA ALA B 211 4.97 9.59 -11.20
C ALA B 211 4.66 10.50 -10.03
N THR B 212 3.91 9.95 -9.07
CA THR B 212 3.57 10.70 -7.86
C THR B 212 4.86 11.11 -7.13
N VAL B 213 5.75 10.14 -6.89
CA VAL B 213 7.00 10.38 -6.21
C VAL B 213 7.87 11.41 -6.98
N GLU B 214 8.00 11.21 -8.29
CA GLU B 214 8.80 12.16 -9.12
C GLU B 214 8.27 13.59 -9.10
N MET B 215 6.96 13.76 -9.30
CA MET B 215 6.37 15.09 -9.29
C MET B 215 6.53 15.78 -7.94
N GLN B 216 6.18 15.05 -6.89
CA GLN B 216 6.20 15.58 -5.53
C GLN B 216 7.63 15.94 -5.09
N GLU B 217 8.60 15.12 -5.46
CA GLU B 217 9.97 15.35 -5.09
C GLU B 217 10.70 16.44 -5.91
N ARG B 218 10.49 16.45 -7.22
CA ARG B 218 11.19 17.39 -8.10
C ARG B 218 10.52 18.71 -8.49
N TYR B 219 9.18 18.74 -8.61
CA TYR B 219 8.48 19.96 -9.12
C TYR B 219 7.39 20.56 -8.27
N ALA B 220 6.75 19.76 -7.44
CA ALA B 220 5.63 20.29 -6.66
C ALA B 220 6.03 21.32 -5.63
N ASP B 221 5.31 22.44 -5.62
CA ASP B 221 5.44 23.39 -4.53
C ASP B 221 4.04 23.49 -3.86
N ARG B 222 3.29 22.41 -3.95
CA ARG B 222 1.94 22.32 -3.41
C ARG B 222 1.54 20.88 -3.30
N PRO B 223 0.46 20.61 -2.56
CA PRO B 223 0.05 19.25 -2.47
C PRO B 223 -0.51 18.77 -3.81
N ILE B 224 -0.43 17.45 -4.02
CA ILE B 224 -1.05 16.80 -5.13
C ILE B 224 -1.86 15.58 -4.64
N ILE B 225 -2.85 15.23 -5.46
CA ILE B 225 -3.67 14.08 -5.27
C ILE B 225 -3.59 13.13 -6.46
N THR B 226 -3.22 11.89 -6.23
CA THR B 226 -3.15 10.89 -7.29
C THR B 226 -3.78 9.59 -6.90
N MET B 227 -4.21 8.86 -7.92
CA MET B 227 -4.78 7.54 -7.75
C MET B 227 -4.77 6.69 -9.01
N SER B 228 -4.56 5.39 -8.81
CA SER B 228 -4.70 4.41 -9.86
C SER B 228 -6.01 3.74 -9.47
N MET B 229 -7.01 3.79 -10.35
CA MET B 229 -8.33 3.23 -10.06
C MET B 229 -8.45 1.70 -10.10
N SER B 230 -9.61 1.23 -9.67
CA SER B 230 -9.99 -0.18 -9.63
C SER B 230 -9.39 -0.87 -8.42
N LYS B 231 -9.86 -2.08 -8.13
CA LYS B 231 -9.34 -2.86 -7.00
C LYS B 231 -7.85 -3.08 -7.11
N THR B 232 -7.37 -3.32 -8.34
CA THR B 232 -5.94 -3.51 -8.61
C THR B 232 -5.09 -2.33 -8.12
N GLY B 233 -5.63 -1.13 -8.19
CA GLY B 233 -4.88 0.04 -7.80
C GLY B 233 -5.07 0.54 -6.37
N VAL B 234 -5.83 -0.19 -5.55
CA VAL B 234 -6.16 0.31 -4.21
C VAL B 234 -4.97 0.78 -3.37
N ILE B 235 -3.81 0.17 -3.54
CA ILE B 235 -2.65 0.60 -2.79
C ILE B 235 -2.35 2.10 -2.98
N SER B 236 -2.71 2.64 -4.16
CA SER B 236 -2.46 4.06 -4.45
C SER B 236 -3.35 5.00 -3.60
N ARG B 237 -4.43 4.46 -3.09
CA ARG B 237 -5.33 5.20 -2.22
C ARG B 237 -4.95 5.06 -0.72
N LEU B 238 -4.02 4.16 -0.43
CA LEU B 238 -3.61 3.92 0.94
C LEU B 238 -2.22 4.45 1.32
N ALA B 239 -1.30 4.46 0.34
CA ALA B 239 0.10 4.81 0.58
C ALA B 239 0.51 6.24 0.23
N GLY B 240 -0.44 7.16 0.34
CA GLY B 240 -0.18 8.55 0.03
C GLY B 240 0.90 9.18 0.88
N GLU B 241 0.97 8.79 2.15
CA GLU B 241 1.94 9.40 3.04
C GLU B 241 3.37 9.16 2.62
N VAL B 242 3.71 7.93 2.26
CA VAL B 242 5.07 7.63 1.83
C VAL B 242 5.33 8.07 0.37
N PHE B 243 4.38 7.89 -0.55
CA PHE B 243 4.64 8.25 -1.96
C PHE B 243 4.32 9.69 -2.39
N GLY B 244 3.48 10.38 -1.61
CA GLY B 244 3.20 11.81 -1.85
C GLY B 244 1.86 12.32 -2.29
N SER B 245 0.80 11.52 -2.12
CA SER B 245 -0.56 11.94 -2.46
C SER B 245 -1.16 12.50 -1.16
N ALA B 246 -1.62 13.74 -1.21
CA ALA B 246 -2.08 14.44 -0.03
C ALA B 246 -3.49 14.10 0.43
N ALA B 247 -4.28 13.42 -0.40
CA ALA B 247 -5.68 13.12 -0.04
C ALA B 247 -6.12 11.89 -0.78
N THR B 248 -7.18 11.26 -0.27
CA THR B 248 -7.66 10.01 -0.83
C THR B 248 -9.16 9.93 -0.63
N PHE B 249 -9.84 9.29 -1.59
CA PHE B 249 -11.31 9.15 -1.55
C PHE B 249 -11.77 7.85 -0.94
N GLY B 250 -12.77 7.96 -0.04
CA GLY B 250 -13.38 6.80 0.60
C GLY B 250 -14.86 6.73 0.26
N ALA B 251 -15.44 5.55 0.33
CA ALA B 251 -16.85 5.37 0.03
C ALA B 251 -17.64 5.33 1.36
N VAL B 252 -18.70 6.11 1.47
CA VAL B 252 -19.52 6.07 2.69
C VAL B 252 -20.44 4.87 2.53
N LYS B 253 -21.33 4.91 1.54
CA LYS B 253 -22.20 3.77 1.25
C LYS B 253 -22.10 3.32 -0.18
N LYS B 254 -21.71 4.21 -1.10
CA LYS B 254 -21.47 3.84 -2.49
C LYS B 254 -20.21 4.55 -3.03
N ALA B 255 -19.36 3.82 -3.74
CA ALA B 255 -18.14 4.42 -4.31
C ALA B 255 -18.48 5.47 -5.36
N SER B 256 -17.71 6.56 -5.41
CA SER B 256 -17.88 7.59 -6.44
C SER B 256 -16.87 7.35 -7.58
N ALA B 257 -16.02 6.33 -7.43
CA ALA B 257 -15.09 5.91 -8.49
C ALA B 257 -14.63 4.52 -8.13
N PRO B 258 -14.24 3.74 -9.15
CA PRO B 258 -13.85 2.36 -8.79
C PRO B 258 -12.55 2.25 -8.01
N GLY B 259 -12.60 1.39 -6.99
CA GLY B 259 -11.47 1.09 -6.12
C GLY B 259 -11.54 1.70 -4.73
N GLN B 260 -12.40 2.67 -4.55
CA GLN B 260 -12.54 3.28 -3.23
C GLN B 260 -12.95 2.21 -2.23
N ILE B 261 -12.42 2.27 -1.00
CA ILE B 261 -12.84 1.35 0.07
C ILE B 261 -13.66 2.14 1.09
N SER B 262 -14.26 1.46 2.07
CA SER B 262 -15.06 2.19 3.06
C SER B 262 -14.21 3.20 3.84
N VAL B 263 -14.84 4.32 4.15
CA VAL B 263 -14.22 5.39 4.89
C VAL B 263 -13.59 4.92 6.19
N ALA B 264 -14.29 4.07 6.95
CA ALA B 264 -13.74 3.58 8.22
C ALA B 264 -12.44 2.75 7.99
N ASP B 265 -12.51 1.81 7.06
CA ASP B 265 -11.34 0.97 6.75
C ASP B 265 -10.21 1.83 6.25
N LEU B 266 -10.57 2.87 5.50
CA LEU B 266 -9.59 3.78 4.93
C LEU B 266 -8.88 4.50 6.06
N ARG B 267 -9.63 5.06 7.01
CA ARG B 267 -8.98 5.75 8.13
C ARG B 267 -8.10 4.75 8.91
N THR B 268 -8.60 3.53 9.13
CA THR B 268 -7.86 2.50 9.88
C THR B 268 -6.47 2.26 9.23
N VAL B 269 -6.45 2.10 7.90
CA VAL B 269 -5.18 1.84 7.22
C VAL B 269 -4.24 3.06 7.28
N LEU B 270 -4.76 4.25 7.03
CA LEU B 270 -3.94 5.45 7.03
C LEU B 270 -3.31 5.72 8.41
N THR B 271 -4.06 5.46 9.47
CA THR B 271 -3.55 5.62 10.79
C THR B 271 -2.42 4.64 11.08
N ILE B 272 -2.59 3.38 10.67
CA ILE B 272 -1.56 2.38 10.87
C ILE B 272 -0.27 2.82 10.16
N LEU B 273 -0.41 3.31 8.93
CA LEU B 273 0.74 3.75 8.16
C LEU B 273 1.34 5.06 8.66
N HIS B 274 0.57 5.84 9.42
CA HIS B 274 1.10 7.07 9.95
C HIS B 274 1.94 6.80 11.21
N GLN B 275 1.55 5.75 11.95
CA GLN B 275 2.21 5.35 13.22
C GLN B 275 3.74 5.38 13.18
N ALA B 276 4.34 5.96 14.22
CA ALA B 276 5.79 6.09 14.32
C ALA B 276 6.50 4.75 14.12
OAA 3DS C . 12.46 -8.80 6.36
OAC 3DS C . 11.05 -9.27 7.94
OAD 3DS C . 13.65 -13.10 10.42
OAE 3DS C . 14.38 -14.77 8.06
CAF 3DS C . 12.99 -11.70 6.47
CAG 3DS C . 12.79 -11.41 8.93
CAH 3DS C . 12.05 -9.58 7.25
CAI 3DS C . 13.31 -13.14 6.65
CAJ 3DS C . 12.67 -10.91 7.50
CAK 3DS C . 13.75 -12.59 9.07
CAL 3DS C . 13.43 -13.70 8.05
NI NI D . -17.02 38.90 -7.29
OAA 3DS E . -11.79 8.30 -6.13
OAC 3DS E . -10.88 8.27 -8.09
OAD 3DS E . -15.56 11.73 -7.16
OAE 3DS E . -13.90 13.90 -8.17
CAF 3DS E . -11.45 11.11 -8.02
CAG 3DS E . -13.58 10.35 -6.95
CAH 3DS E . -11.59 8.82 -7.24
CAI 3DS E . -11.94 12.51 -8.00
CAJ 3DS E . -12.18 10.13 -7.47
CAK 3DS E . -14.21 11.54 -7.65
CAL 3DS E . -13.34 12.78 -7.48
#